data_8UVL
#
_entry.id   8UVL
#
_cell.length_a   67.890
_cell.length_b   166.834
_cell.length_c   102.950
_cell.angle_alpha   90.000
_cell.angle_beta   90.000
_cell.angle_gamma   90.000
#
_symmetry.space_group_name_H-M   'C 2 2 21'
#
loop_
_entity.id
_entity.type
_entity.pdbx_description
1 polymer 'Serine/threonine-protein kinase/endoribonuclease IRE1'
2 non-polymer 1,2-ETHANEDIOL
3 non-polymer 1-phenyl-N-(2,3,6-trifluoro-4-{[(3M)-3-(2-{[(3R,5R)-5-fluoropiperidin-3-yl]amino}pyrimidin-4-yl)pyridin-2-yl]oxy}phenyl)methanesulfonamide
4 water water
#
_entity_poly.entity_id   1
_entity_poly.type   'polypeptide(L)'
_entity_poly.pdbx_seq_one_letter_code
;MHHHHHHGENLYFQGSSPSLEQDDGDEETSVVIVGKISFCPKDVLGHGAEGTIVYRGMFDNRDVAVKRILPECFSFADRE
VQLLRESDEHPNVIRYFCTEKDRQFQYIAIELCAATLQEYVEQKDFAHLGLEPITLLQQTTSGLAHLHSLNIVHRNLKPH
NILISMPNAHGKIKAMISDFGLCKKLAVGRHSFSRRSGVPGTEGWIAPEMLSEDCKENPTYTVDIFSAGCVFYYVISEGS
HPFGKSLQRQANILLGACSLDCLHPEKHEDVIARELIEKMIAMDPQKRPSAKHVLKHPFFWSLEKQLQFFQDVSDRIEKE
SLDGPIVKQLERGGRAVVKMDWRENITVPLQTDLRKFRTYKGGSVRDLLRAMRNKKHHYRELPAEVRETLGSLPDDFVCY
FTSRFPHLLAHTYRAMELCSHERLFQPYYFHEPPEPQPPVTPDALGNS
;
_entity_poly.pdbx_strand_id   A
#
# COMPACT_ATOMS: atom_id res chain seq x y z
N SER A 30 -11.61 -33.42 -25.75
CA SER A 30 -11.11 -32.90 -24.49
C SER A 30 -10.63 -31.44 -24.54
N VAL A 31 -9.94 -31.03 -25.61
CA VAL A 31 -9.49 -29.63 -25.77
C VAL A 31 -10.46 -28.87 -26.67
N VAL A 32 -10.75 -27.62 -26.32
CA VAL A 32 -11.69 -26.78 -27.05
C VAL A 32 -10.90 -25.65 -27.71
N ILE A 33 -11.33 -25.26 -28.91
CA ILE A 33 -10.63 -24.30 -29.75
C ILE A 33 -11.63 -23.29 -30.28
N VAL A 34 -11.30 -22.00 -30.15
CA VAL A 34 -12.15 -20.88 -30.59
C VAL A 34 -11.25 -19.76 -31.11
N GLY A 35 -10.73 -19.92 -32.32
CA GLY A 35 -9.81 -18.96 -32.88
C GLY A 35 -8.38 -19.16 -32.40
N LYS A 36 -7.69 -18.05 -32.10
CA LYS A 36 -6.36 -18.20 -31.53
C LYS A 36 -6.40 -18.66 -30.07
N ILE A 37 -7.58 -18.79 -29.48
CA ILE A 37 -7.75 -19.19 -28.09
C ILE A 37 -8.07 -20.68 -28.04
N SER A 38 -7.25 -21.43 -27.31
CA SER A 38 -7.53 -22.84 -27.02
C SER A 38 -7.45 -23.03 -25.51
N PHE A 39 -8.28 -23.93 -25.00
CA PHE A 39 -8.27 -24.25 -23.57
C PHE A 39 -8.92 -25.61 -23.37
N CYS A 40 -8.62 -26.20 -22.21
CA CYS A 40 -9.24 -27.47 -21.86
C CYS A 40 -10.23 -27.23 -20.73
N PRO A 41 -11.51 -27.55 -20.91
CA PRO A 41 -12.51 -27.22 -19.86
C PRO A 41 -12.34 -28.02 -18.59
N LYS A 42 -11.46 -29.02 -18.56
CA LYS A 42 -11.21 -29.72 -17.31
C LYS A 42 -10.41 -28.87 -16.34
N ASP A 43 -9.64 -27.89 -16.83
CA ASP A 43 -8.77 -27.07 -15.99
C ASP A 43 -9.49 -25.78 -15.63
N VAL A 44 -10.35 -25.86 -14.62
CA VAL A 44 -11.08 -24.69 -14.18
C VAL A 44 -10.21 -23.97 -13.16
N LEU A 45 -9.86 -22.73 -13.46
CA LEU A 45 -9.13 -21.91 -12.50
C LEU A 45 -10.03 -21.18 -11.51
N GLY A 46 -11.31 -21.00 -11.81
CA GLY A 46 -12.19 -20.30 -10.90
C GLY A 46 -13.43 -19.77 -11.61
N HIS A 47 -14.13 -18.88 -10.90
CA HIS A 47 -15.38 -18.29 -11.32
C HIS A 47 -15.36 -16.78 -11.09
N GLY A 48 -16.41 -16.12 -11.56
CA GLY A 48 -16.56 -14.68 -11.36
C GLY A 48 -17.87 -14.32 -10.67
N ALA A 49 -18.97 -14.84 -11.22
CA ALA A 49 -20.35 -14.75 -10.76
C ALA A 49 -21.23 -14.86 -11.99
N GLU A 50 -22.43 -15.42 -11.85
CA GLU A 50 -23.43 -15.48 -12.93
C GLU A 50 -22.85 -16.17 -14.16
N GLY A 51 -22.62 -17.47 -14.02
CA GLY A 51 -22.09 -18.24 -15.14
C GLY A 51 -20.73 -17.80 -15.62
N THR A 52 -20.03 -16.95 -14.87
CA THR A 52 -18.65 -16.65 -15.20
C THR A 52 -17.75 -17.79 -14.72
N ILE A 53 -16.92 -18.30 -15.63
CA ILE A 53 -15.98 -19.39 -15.40
C ILE A 53 -14.64 -19.04 -16.01
N VAL A 54 -13.56 -19.57 -15.43
CA VAL A 54 -12.21 -19.29 -15.89
C VAL A 54 -11.44 -20.60 -16.07
N TYR A 55 -10.88 -20.79 -17.25
CA TYR A 55 -10.12 -21.98 -17.57
C TYR A 55 -8.66 -21.64 -17.83
N ARG A 56 -7.80 -22.63 -17.57
CA ARG A 56 -6.43 -22.56 -18.09
C ARG A 56 -6.47 -22.81 -19.59
N GLY A 57 -5.61 -22.12 -20.32
CA GLY A 57 -5.60 -22.28 -21.76
C GLY A 57 -4.38 -21.70 -22.43
N MET A 58 -4.51 -21.54 -23.75
CA MET A 58 -3.45 -21.03 -24.61
C MET A 58 -4.02 -19.99 -25.56
N PHE A 59 -3.22 -18.96 -25.83
CA PHE A 59 -3.47 -18.03 -26.94
C PHE A 59 -2.14 -17.64 -27.56
N ASP A 60 -2.12 -17.62 -28.89
CA ASP A 60 -0.88 -17.53 -29.65
C ASP A 60 0.01 -18.69 -29.21
N ASN A 61 1.15 -18.38 -28.58
CA ASN A 61 1.98 -19.39 -27.96
C ASN A 61 2.18 -19.09 -26.47
N ARG A 62 1.22 -18.42 -25.86
CA ARG A 62 1.38 -17.98 -24.49
C ARG A 62 0.38 -18.69 -23.61
N ASP A 63 0.73 -18.80 -22.33
CA ASP A 63 -0.17 -19.37 -21.34
C ASP A 63 -1.13 -18.29 -20.85
N VAL A 64 -2.43 -18.54 -21.01
CA VAL A 64 -3.45 -17.59 -20.60
C VAL A 64 -4.43 -18.25 -19.66
N ALA A 65 -5.10 -17.41 -18.89
CA ALA A 65 -6.38 -17.75 -18.29
C ALA A 65 -7.48 -17.18 -19.18
N VAL A 66 -8.59 -17.90 -19.25
CA VAL A 66 -9.63 -17.63 -20.23
C VAL A 66 -10.96 -17.58 -19.49
N LYS A 67 -11.53 -16.39 -19.37
CA LYS A 67 -12.81 -16.21 -18.69
C LYS A 67 -13.93 -16.30 -19.72
N ARG A 68 -14.93 -17.12 -19.43
CA ARG A 68 -16.08 -17.23 -20.32
C ARG A 68 -17.23 -16.41 -19.78
N ILE A 69 -17.78 -15.57 -20.65
CA ILE A 69 -18.77 -14.58 -20.28
C ILE A 69 -19.90 -14.69 -21.30
N LEU A 70 -21.11 -14.40 -20.85
CA LEU A 70 -22.24 -14.38 -21.77
C LEU A 70 -21.99 -13.32 -22.85
N PRO A 71 -22.61 -13.47 -24.03
CA PRO A 71 -22.41 -12.48 -25.10
C PRO A 71 -22.85 -11.10 -24.65
N GLU A 72 -22.52 -10.10 -25.47
CA GLU A 72 -22.81 -8.72 -25.10
C GLU A 72 -24.31 -8.47 -24.87
N CYS A 73 -25.18 -9.29 -25.47
CA CYS A 73 -26.62 -9.17 -25.20
C CYS A 73 -26.91 -9.28 -23.70
N PHE A 74 -26.22 -10.21 -23.03
CA PHE A 74 -26.49 -10.58 -21.64
C PHE A 74 -25.23 -10.45 -20.80
N SER A 75 -24.42 -9.43 -21.08
CA SER A 75 -23.19 -9.18 -20.34
C SER A 75 -22.94 -7.69 -20.17
N PHE A 76 -23.17 -6.91 -21.23
CA PHE A 76 -22.85 -5.49 -21.29
C PHE A 76 -21.45 -5.23 -20.73
N ALA A 77 -20.48 -5.99 -21.24
CA ALA A 77 -19.14 -6.01 -20.71
C ALA A 77 -18.11 -5.37 -21.66
N ASP A 78 -18.56 -4.86 -22.81
CA ASP A 78 -17.61 -4.29 -23.75
C ASP A 78 -17.00 -3.00 -23.21
N ARG A 79 -17.81 -2.14 -22.58
CA ARG A 79 -17.27 -0.90 -22.06
C ARG A 79 -16.16 -1.17 -21.06
N GLU A 80 -16.27 -2.24 -20.29
CA GLU A 80 -15.29 -2.50 -19.27
C GLU A 80 -14.11 -3.28 -19.80
N VAL A 81 -14.30 -4.10 -20.82
CA VAL A 81 -13.15 -4.68 -21.50
C VAL A 81 -12.32 -3.59 -22.18
N GLN A 82 -12.98 -2.55 -22.72
CA GLN A 82 -12.25 -1.44 -23.30
C GLN A 82 -11.41 -0.71 -22.25
N LEU A 83 -11.94 -0.53 -21.03
CA LEU A 83 -11.16 0.06 -19.95
C LEU A 83 -9.95 -0.79 -19.59
N LEU A 84 -10.12 -2.13 -19.55
CA LEU A 84 -8.95 -3.01 -19.40
C LEU A 84 -7.94 -2.78 -20.52
N ARG A 85 -8.42 -2.56 -21.75
CA ARG A 85 -7.52 -2.31 -22.87
C ARG A 85 -6.67 -1.06 -22.65
N GLU A 86 -7.29 0.02 -22.14
CA GLU A 86 -6.56 1.28 -21.99
C GLU A 86 -5.59 1.26 -20.81
N SER A 87 -5.79 0.36 -19.86
CA SER A 87 -5.02 0.34 -18.63
C SER A 87 -3.90 -0.68 -18.60
N ASP A 88 -3.97 -1.71 -19.46
CA ASP A 88 -3.16 -2.90 -19.21
C ASP A 88 -1.68 -2.69 -19.53
N GLU A 89 -1.31 -1.56 -20.14
CA GLU A 89 0.09 -1.26 -20.38
C GLU A 89 0.90 -1.22 -19.08
N HIS A 90 0.28 -0.78 -18.01
CA HIS A 90 1.01 -0.68 -16.75
C HIS A 90 1.34 -2.07 -16.20
N PRO A 91 2.55 -2.29 -15.70
CA PRO A 91 2.92 -3.64 -15.22
C PRO A 91 2.06 -4.16 -14.11
N ASN A 92 1.36 -3.31 -13.38
CA ASN A 92 0.56 -3.81 -12.27
C ASN A 92 -0.93 -3.74 -12.60
N VAL A 93 -1.26 -3.69 -13.88
CA VAL A 93 -2.60 -4.01 -14.36
C VAL A 93 -2.49 -5.26 -15.21
N ILE A 94 -3.29 -6.27 -14.91
CA ILE A 94 -3.23 -7.55 -15.61
C ILE A 94 -3.20 -7.34 -17.11
N ARG A 95 -2.22 -7.94 -17.76
CA ARG A 95 -2.13 -7.80 -19.21
C ARG A 95 -3.24 -8.60 -19.90
N TYR A 96 -3.92 -7.96 -20.84
CA TYR A 96 -5.06 -8.52 -21.55
C TYR A 96 -4.67 -8.81 -23.00
N PHE A 97 -4.95 -10.02 -23.47
CA PHE A 97 -4.39 -10.46 -24.75
C PHE A 97 -5.38 -10.41 -25.91
N CYS A 98 -6.61 -10.86 -25.69
CA CYS A 98 -7.52 -11.00 -26.82
C CYS A 98 -8.88 -11.42 -26.29
N THR A 99 -9.93 -11.10 -27.03
CA THR A 99 -11.22 -11.74 -26.81
C THR A 99 -11.73 -12.35 -28.11
N GLU A 100 -12.39 -13.50 -28.02
CA GLU A 100 -13.02 -14.11 -29.18
C GLU A 100 -14.44 -14.54 -28.84
N LYS A 101 -15.32 -14.39 -29.84
CA LYS A 101 -16.77 -14.32 -29.67
C LYS A 101 -17.51 -15.52 -30.25
N ASP A 102 -16.85 -16.34 -31.07
CA ASP A 102 -17.54 -17.21 -32.02
C ASP A 102 -18.71 -17.97 -31.40
N ARG A 103 -18.48 -18.64 -30.28
CA ARG A 103 -19.48 -19.52 -29.70
C ARG A 103 -20.67 -18.71 -29.17
N GLN A 104 -21.58 -19.40 -28.49
CA GLN A 104 -22.64 -18.80 -27.68
C GLN A 104 -22.10 -17.67 -26.81
N PHE A 105 -20.83 -17.78 -26.37
CA PHE A 105 -20.21 -16.94 -25.36
C PHE A 105 -19.18 -15.99 -25.99
N GLN A 106 -18.51 -15.23 -25.13
CA GLN A 106 -17.25 -14.57 -25.45
C GLN A 106 -16.19 -15.13 -24.53
N TYR A 107 -14.94 -15.13 -25.00
CA TYR A 107 -13.83 -15.66 -24.23
C TYR A 107 -12.76 -14.59 -24.10
N ILE A 108 -12.43 -14.21 -22.87
CA ILE A 108 -11.43 -13.17 -22.61
C ILE A 108 -10.15 -13.84 -22.13
N ALA A 109 -9.07 -13.67 -22.90
CA ALA A 109 -7.77 -14.24 -22.54
C ALA A 109 -6.87 -13.19 -21.89
N ILE A 110 -6.35 -13.51 -20.71
CA ILE A 110 -5.44 -12.64 -19.97
C ILE A 110 -4.21 -13.45 -19.54
N GLU A 111 -3.24 -12.77 -18.96
CA GLU A 111 -2.01 -13.41 -18.53
C GLU A 111 -2.25 -14.49 -17.47
N LEU A 112 -1.74 -15.69 -17.71
CA LEU A 112 -1.88 -16.74 -16.70
C LEU A 112 -0.96 -16.45 -15.51
N CYS A 113 -1.52 -16.54 -14.30
CA CYS A 113 -0.85 -16.13 -13.07
C CYS A 113 -0.71 -17.30 -12.09
N ALA A 114 0.15 -17.09 -11.09
CA ALA A 114 0.47 -18.11 -10.10
C ALA A 114 -0.62 -18.25 -9.06
N ALA A 115 -1.07 -17.12 -8.50
CA ALA A 115 -2.09 -17.17 -7.45
C ALA A 115 -2.83 -15.85 -7.41
N THR A 116 -3.99 -15.87 -6.78
CA THR A 116 -4.60 -14.63 -6.31
C THR A 116 -3.87 -14.18 -5.05
N LEU A 117 -4.05 -12.92 -4.66
CA LEU A 117 -3.47 -12.50 -3.40
C LEU A 117 -4.06 -13.28 -2.23
N GLN A 118 -5.35 -13.64 -2.33
CA GLN A 118 -5.97 -14.43 -1.28
C GLN A 118 -5.23 -15.75 -1.07
N GLU A 119 -5.06 -16.52 -2.13
CA GLU A 119 -4.31 -17.78 -2.05
C GLU A 119 -2.93 -17.54 -1.48
N TYR A 120 -2.27 -16.48 -1.94
CA TYR A 120 -0.92 -16.17 -1.47
C TYR A 120 -0.91 -15.97 0.04
N VAL A 121 -1.84 -15.15 0.55
CA VAL A 121 -1.87 -14.96 1.99
C VAL A 121 -2.29 -16.24 2.68
N GLU A 122 -3.17 -17.04 2.07
CA GLU A 122 -3.66 -18.21 2.80
C GLU A 122 -2.65 -19.35 2.80
N GLN A 123 -1.91 -19.53 1.72
CA GLN A 123 -1.22 -20.79 1.48
C GLN A 123 0.29 -20.71 1.61
N LYS A 124 0.87 -19.53 1.87
CA LYS A 124 2.29 -19.33 1.68
C LYS A 124 2.96 -18.88 2.96
N ASP A 125 4.08 -19.53 3.29
CA ASP A 125 4.82 -19.33 4.55
C ASP A 125 5.60 -18.03 4.44
N PHE A 126 5.18 -17.02 5.23
CA PHE A 126 5.79 -15.69 5.18
C PHE A 126 7.18 -15.66 5.78
N ALA A 127 7.54 -16.65 6.61
CA ALA A 127 8.87 -16.69 7.19
C ALA A 127 9.95 -16.47 6.15
N HIS A 128 9.79 -17.06 4.96
CA HIS A 128 10.84 -17.11 3.97
C HIS A 128 10.66 -16.07 2.86
N LEU A 129 9.74 -15.12 3.03
CA LEU A 129 9.39 -14.23 1.94
C LEU A 129 10.01 -12.84 2.04
N GLY A 130 10.54 -12.45 3.19
CA GLY A 130 11.22 -11.18 3.26
C GLY A 130 10.27 -10.01 3.06
N LEU A 131 10.73 -9.03 2.29
CA LEU A 131 9.92 -7.86 2.00
C LEU A 131 8.95 -8.08 0.85
N GLU A 132 8.86 -9.31 0.31
CA GLU A 132 7.97 -9.57 -0.81
C GLU A 132 6.52 -9.17 -0.56
N PRO A 133 5.91 -9.42 0.60
CA PRO A 133 4.51 -9.00 0.75
C PRO A 133 4.36 -7.49 0.69
N ILE A 134 5.35 -6.75 1.21
CA ILE A 134 5.28 -5.30 1.15
C ILE A 134 5.31 -4.85 -0.32
N THR A 135 6.17 -5.47 -1.13
CA THR A 135 6.29 -4.95 -2.48
C THR A 135 5.05 -5.28 -3.32
N LEU A 136 4.40 -6.42 -3.05
CA LEU A 136 3.10 -6.66 -3.67
C LEU A 136 2.10 -5.57 -3.29
N LEU A 137 2.14 -5.08 -2.05
CA LEU A 137 1.27 -3.96 -1.73
C LEU A 137 1.66 -2.74 -2.53
N GLN A 138 2.97 -2.50 -2.71
CA GLN A 138 3.40 -1.35 -3.48
C GLN A 138 2.97 -1.46 -4.91
N GLN A 139 3.21 -2.61 -5.52
CA GLN A 139 2.84 -2.79 -6.91
C GLN A 139 1.34 -2.64 -7.11
N THR A 140 0.53 -3.17 -6.21
CA THR A 140 -0.91 -2.93 -6.28
C THR A 140 -1.23 -1.46 -6.22
N THR A 141 -0.59 -0.73 -5.31
CA THR A 141 -0.84 0.71 -5.24
C THR A 141 -0.41 1.40 -6.53
N SER A 142 0.74 1.01 -7.10
CA SER A 142 1.15 1.60 -8.37
C SER A 142 0.11 1.36 -9.45
N GLY A 143 -0.41 0.14 -9.54
CA GLY A 143 -1.44 -0.15 -10.52
C GLY A 143 -2.70 0.67 -10.27
N LEU A 144 -3.09 0.79 -9.00
CA LEU A 144 -4.29 1.58 -8.69
C LEU A 144 -4.09 3.05 -9.00
N ALA A 145 -2.88 3.59 -8.77
CA ALA A 145 -2.61 4.98 -9.11
C ALA A 145 -2.67 5.18 -10.61
N HIS A 146 -2.23 4.18 -11.37
CA HIS A 146 -2.37 4.25 -12.82
C HIS A 146 -3.83 4.38 -13.23
N LEU A 147 -4.68 3.45 -12.75
CA LEU A 147 -6.11 3.52 -13.01
C LEU A 147 -6.69 4.90 -12.66
N HIS A 148 -6.44 5.38 -11.44
CA HIS A 148 -7.01 6.67 -11.06
C HIS A 148 -6.51 7.78 -11.98
N SER A 149 -5.24 7.70 -12.38
CA SER A 149 -4.69 8.71 -13.28
C SER A 149 -5.43 8.73 -14.61
N LEU A 150 -6.04 7.61 -15.01
CA LEU A 150 -6.85 7.56 -16.22
C LEU A 150 -8.31 7.88 -15.95
N ASN A 151 -8.65 8.36 -14.75
CA ASN A 151 -10.02 8.65 -14.34
C ASN A 151 -10.89 7.39 -14.25
N ILE A 152 -10.28 6.23 -14.03
CA ILE A 152 -10.99 4.96 -13.85
C ILE A 152 -11.01 4.61 -12.37
N VAL A 153 -12.19 4.39 -11.82
CA VAL A 153 -12.30 3.88 -10.45
C VAL A 153 -12.62 2.40 -10.53
N HIS A 154 -12.01 1.62 -9.64
CA HIS A 154 -12.11 0.16 -9.78
C HIS A 154 -13.38 -0.40 -9.16
N ARG A 155 -13.64 0.00 -7.91
CA ARG A 155 -14.87 -0.19 -7.13
C ARG A 155 -15.00 -1.58 -6.52
N ASN A 156 -14.03 -2.47 -6.72
CA ASN A 156 -14.21 -3.86 -6.28
C ASN A 156 -12.85 -4.48 -5.98
N LEU A 157 -11.99 -3.74 -5.32
CA LEU A 157 -10.67 -4.25 -4.97
C LEU A 157 -10.80 -5.17 -3.75
N LYS A 158 -10.15 -6.33 -3.81
CA LYS A 158 -10.10 -7.30 -2.72
C LYS A 158 -9.01 -8.32 -3.03
N PRO A 159 -8.55 -9.11 -2.05
CA PRO A 159 -7.43 -10.02 -2.33
C PRO A 159 -7.71 -11.00 -3.46
N HIS A 160 -8.96 -11.44 -3.62
CA HIS A 160 -9.28 -12.35 -4.71
C HIS A 160 -9.04 -11.72 -6.08
N ASN A 161 -9.13 -10.39 -6.18
CA ASN A 161 -9.01 -9.68 -7.46
C ASN A 161 -7.59 -9.28 -7.79
N ILE A 162 -6.64 -9.50 -6.91
CA ILE A 162 -5.26 -9.09 -7.14
C ILE A 162 -4.47 -10.33 -7.51
N LEU A 163 -3.96 -10.37 -8.74
CA LEU A 163 -3.25 -11.54 -9.24
C LEU A 163 -1.74 -11.42 -8.99
N ILE A 164 -1.11 -12.55 -8.75
CA ILE A 164 0.32 -12.67 -8.52
C ILE A 164 0.92 -13.39 -9.73
N SER A 165 1.94 -12.78 -10.33
CA SER A 165 2.49 -13.32 -11.56
C SER A 165 3.28 -14.60 -11.31
N MET A 166 3.44 -15.40 -12.37
CA MET A 166 4.48 -16.41 -12.39
C MET A 166 5.85 -15.72 -12.27
N PRO A 167 6.84 -16.42 -11.72
CA PRO A 167 8.20 -15.85 -11.68
C PRO A 167 8.69 -15.49 -13.07
N ASN A 168 9.44 -14.40 -13.17
CA ASN A 168 10.03 -14.06 -14.45
C ASN A 168 11.35 -14.81 -14.58
N ALA A 169 12.15 -14.51 -15.61
CA ALA A 169 13.39 -15.24 -15.82
C ALA A 169 14.37 -15.06 -14.67
N HIS A 170 14.17 -14.05 -13.81
CA HIS A 170 15.01 -13.84 -12.65
C HIS A 170 14.29 -14.22 -11.38
N GLY A 171 13.18 -14.93 -11.50
CA GLY A 171 12.48 -15.43 -10.33
C GLY A 171 11.75 -14.38 -9.55
N LYS A 172 11.46 -13.24 -10.16
CA LYS A 172 10.70 -12.20 -9.47
C LYS A 172 9.22 -12.31 -9.85
N ILE A 173 8.36 -11.85 -8.94
CA ILE A 173 6.93 -11.89 -9.15
C ILE A 173 6.38 -10.49 -8.95
N LYS A 174 5.16 -10.27 -9.43
CA LYS A 174 4.51 -8.97 -9.26
C LYS A 174 3.00 -9.15 -9.13
N ALA A 175 2.39 -8.21 -8.43
CA ALA A 175 0.93 -8.14 -8.29
C ALA A 175 0.31 -7.32 -9.42
N MET A 176 -0.89 -7.71 -9.85
CA MET A 176 -1.58 -6.97 -10.92
C MET A 176 -3.05 -6.85 -10.57
N ILE A 177 -3.60 -5.64 -10.70
CA ILE A 177 -5.04 -5.45 -10.58
C ILE A 177 -5.73 -6.21 -11.70
N SER A 178 -6.83 -6.88 -11.38
CA SER A 178 -7.68 -7.47 -12.42
C SER A 178 -9.13 -7.20 -12.07
N ASP A 179 -10.03 -7.75 -12.89
CA ASP A 179 -11.47 -7.75 -12.65
C ASP A 179 -12.05 -6.35 -12.84
N PHE A 180 -12.32 -6.01 -14.09
CA PHE A 180 -12.76 -4.68 -14.45
C PHE A 180 -14.27 -4.58 -14.58
N GLY A 181 -15.00 -5.57 -14.05
CA GLY A 181 -16.43 -5.62 -14.27
C GLY A 181 -17.20 -4.49 -13.61
N LEU A 182 -16.64 -3.86 -12.58
CA LEU A 182 -17.32 -2.73 -11.95
C LEU A 182 -16.64 -1.40 -12.23
N CYS A 183 -15.58 -1.40 -13.02
CA CYS A 183 -14.80 -0.18 -13.22
C CYS A 183 -15.62 0.86 -13.98
N LYS A 184 -15.45 2.12 -13.58
CA LYS A 184 -16.09 3.23 -14.29
C LYS A 184 -15.05 4.28 -14.61
N LYS A 185 -15.11 4.79 -15.82
CA LYS A 185 -14.35 5.98 -16.17
C LYS A 185 -15.23 7.18 -15.85
N LEU A 186 -14.69 8.14 -15.12
CA LEU A 186 -15.43 9.36 -14.84
C LEU A 186 -15.14 10.40 -15.92
N ALA A 187 -16.16 11.20 -16.24
CA ALA A 187 -15.94 12.36 -17.09
C ALA A 187 -14.89 13.29 -16.45
N VAL A 188 -14.26 14.10 -17.29
CA VAL A 188 -13.10 14.88 -16.83
C VAL A 188 -13.49 15.97 -15.83
N GLY A 189 -14.73 16.46 -15.87
CA GLY A 189 -15.18 17.46 -14.91
C GLY A 189 -15.66 16.94 -13.57
N ARG A 190 -15.95 15.64 -13.47
CA ARG A 190 -16.52 15.06 -12.26
C ARG A 190 -15.50 14.18 -11.56
N HIS A 191 -15.49 14.24 -10.23
CA HIS A 191 -14.63 13.39 -9.43
C HIS A 191 -15.44 12.46 -8.55
N SER A 192 -16.66 12.15 -8.98
CA SER A 192 -17.53 11.30 -8.21
C SER A 192 -18.51 10.64 -9.17
N PHE A 193 -19.25 9.66 -8.65
CA PHE A 193 -20.22 8.88 -9.40
C PHE A 193 -21.34 8.53 -8.46
N SER A 194 -22.49 8.15 -9.02
CA SER A 194 -23.63 7.79 -8.19
C SER A 194 -23.42 6.40 -7.60
N ARG A 195 -23.89 6.20 -6.37
CA ARG A 195 -23.73 4.90 -5.73
C ARG A 195 -24.85 3.93 -6.07
N ARG A 196 -25.98 4.42 -6.59
CA ARG A 196 -27.04 3.59 -7.13
C ARG A 196 -26.74 3.10 -8.54
N SER A 197 -25.53 3.36 -9.04
CA SER A 197 -25.16 3.12 -10.43
C SER A 197 -24.53 1.74 -10.63
N GLY A 198 -25.01 0.73 -9.90
CA GLY A 198 -24.52 -0.61 -10.10
C GLY A 198 -24.33 -1.41 -8.83
N VAL A 199 -23.83 -2.63 -8.96
CA VAL A 199 -23.55 -3.46 -7.78
C VAL A 199 -22.56 -2.72 -6.89
N PRO A 200 -22.76 -2.70 -5.57
CA PRO A 200 -21.88 -1.89 -4.71
C PRO A 200 -20.45 -2.37 -4.70
N GLY A 201 -20.17 -3.59 -5.13
CA GLY A 201 -18.90 -4.23 -4.87
C GLY A 201 -19.10 -5.56 -4.18
N THR A 202 -18.11 -6.02 -3.41
CA THR A 202 -18.09 -7.34 -2.77
C THR A 202 -18.25 -7.17 -1.26
N GLU A 203 -19.18 -7.92 -0.66
CA GLU A 203 -19.42 -7.74 0.77
C GLU A 203 -18.15 -7.98 1.57
N GLY A 204 -17.89 -7.07 2.51
CA GLY A 204 -16.70 -7.11 3.33
C GLY A 204 -15.61 -6.14 2.91
N TRP A 205 -15.73 -5.53 1.72
CA TRP A 205 -14.66 -4.67 1.25
C TRP A 205 -15.19 -3.38 0.63
N ILE A 206 -16.42 -3.01 0.93
CA ILE A 206 -17.10 -1.89 0.31
C ILE A 206 -17.00 -0.68 1.22
N ALA A 207 -16.54 0.45 0.67
CA ALA A 207 -16.40 1.66 1.45
C ALA A 207 -17.75 2.06 2.03
N PRO A 208 -17.81 2.59 3.26
CA PRO A 208 -19.12 2.82 3.90
C PRO A 208 -19.98 3.78 3.14
N GLU A 209 -19.38 4.72 2.40
CA GLU A 209 -20.23 5.68 1.71
C GLU A 209 -20.97 5.06 0.53
N MET A 210 -20.61 3.84 0.13
CA MET A 210 -21.33 3.10 -0.89
C MET A 210 -22.67 2.52 -0.42
N LEU A 211 -22.86 2.33 0.88
CA LEU A 211 -24.04 1.64 1.38
C LEU A 211 -24.81 2.44 2.41
N SER A 212 -24.12 3.31 3.14
CA SER A 212 -24.72 3.99 4.28
C SER A 212 -26.03 4.65 3.90
N GLU A 213 -26.98 4.65 4.84
CA GLU A 213 -28.30 5.25 4.64
C GLU A 213 -28.21 6.77 4.47
N ASP A 214 -27.88 7.49 5.54
CA ASP A 214 -27.71 8.93 5.45
C ASP A 214 -26.29 9.22 4.93
N CYS A 215 -26.18 9.52 3.64
CA CYS A 215 -24.90 9.94 3.04
C CYS A 215 -25.14 11.00 1.98
N LYS A 216 -24.75 12.24 2.30
CA LYS A 216 -24.94 13.37 1.42
C LYS A 216 -23.76 13.60 0.47
N GLU A 217 -22.84 12.66 0.35
CA GLU A 217 -21.67 12.82 -0.52
C GLU A 217 -21.51 11.61 -1.44
N ASN A 218 -21.38 11.86 -2.74
CA ASN A 218 -21.21 10.80 -3.72
C ASN A 218 -19.85 10.12 -3.53
N PRO A 219 -19.76 8.82 -3.79
CA PRO A 219 -18.46 8.14 -3.78
C PRO A 219 -17.51 8.71 -4.83
N THR A 220 -16.21 8.54 -4.57
CA THR A 220 -15.13 9.01 -5.43
C THR A 220 -14.08 7.90 -5.52
N TYR A 221 -12.93 8.24 -6.12
CA TYR A 221 -11.78 7.34 -6.16
C TYR A 221 -11.44 6.77 -4.80
N THR A 222 -11.73 7.50 -3.73
CA THR A 222 -11.29 7.00 -2.44
C THR A 222 -12.07 5.78 -1.96
N VAL A 223 -13.10 5.29 -2.66
CA VAL A 223 -13.57 3.95 -2.31
C VAL A 223 -12.47 2.92 -2.56
N ASP A 224 -11.64 3.12 -3.59
CA ASP A 224 -10.57 2.15 -3.83
C ASP A 224 -9.53 2.21 -2.73
N ILE A 225 -9.21 3.42 -2.24
CA ILE A 225 -8.28 3.57 -1.14
C ILE A 225 -8.80 2.86 0.10
N PHE A 226 -10.11 2.99 0.39
CA PHE A 226 -10.68 2.26 1.52
C PHE A 226 -10.48 0.75 1.36
N SER A 227 -10.89 0.20 0.22
CA SER A 227 -10.70 -1.22 -0.04
C SER A 227 -9.23 -1.60 0.03
N ALA A 228 -8.38 -0.77 -0.56
CA ALA A 228 -6.94 -1.00 -0.49
C ALA A 228 -6.43 -1.03 0.95
N GLY A 229 -6.92 -0.11 1.81
CA GLY A 229 -6.52 -0.12 3.20
C GLY A 229 -6.82 -1.45 3.88
N CYS A 230 -7.97 -2.04 3.56
CA CYS A 230 -8.30 -3.36 4.10
C CYS A 230 -7.37 -4.44 3.55
N VAL A 231 -7.01 -4.35 2.26
CA VAL A 231 -6.08 -5.32 1.69
C VAL A 231 -4.71 -5.24 2.37
N PHE A 232 -4.23 -4.02 2.64
CA PHE A 232 -2.95 -3.85 3.34
C PHE A 232 -2.92 -4.63 4.65
N TYR A 233 -3.90 -4.36 5.51
CA TYR A 233 -3.98 -5.07 6.78
C TYR A 233 -4.11 -6.56 6.57
N TYR A 234 -4.91 -6.97 5.57
CA TYR A 234 -5.09 -8.39 5.30
C TYR A 234 -3.76 -9.05 4.98
N VAL A 235 -2.92 -8.37 4.21
CA VAL A 235 -1.61 -8.93 3.92
C VAL A 235 -0.75 -8.97 5.17
N ILE A 236 -0.53 -7.82 5.81
CA ILE A 236 0.48 -7.83 6.87
C ILE A 236 -0.04 -8.54 8.11
N SER A 237 -1.34 -8.75 8.23
CA SER A 237 -1.88 -9.56 9.31
C SER A 237 -1.96 -11.04 8.94
N GLU A 238 -1.63 -11.37 7.70
CA GLU A 238 -1.67 -12.73 7.19
C GLU A 238 -3.07 -13.34 7.29
N GLY A 239 -4.09 -12.53 7.02
CA GLY A 239 -5.42 -13.05 6.81
C GLY A 239 -6.56 -12.46 7.63
N SER A 240 -6.26 -11.52 8.50
CA SER A 240 -7.30 -10.89 9.28
C SER A 240 -7.74 -9.61 8.55
N HIS A 241 -8.75 -8.93 9.09
CA HIS A 241 -9.42 -7.81 8.42
C HIS A 241 -9.71 -6.71 9.45
N PRO A 242 -9.54 -5.45 9.07
CA PRO A 242 -9.73 -4.38 10.08
C PRO A 242 -11.13 -4.34 10.69
N PHE A 243 -12.15 -4.83 10.00
CA PHE A 243 -13.52 -4.73 10.51
C PHE A 243 -14.08 -6.09 10.93
N GLY A 244 -13.21 -7.04 11.23
CA GLY A 244 -13.64 -8.27 11.87
C GLY A 244 -13.81 -9.41 10.90
N LYS A 245 -14.49 -10.45 11.41
CA LYS A 245 -14.76 -11.65 10.64
C LYS A 245 -15.86 -11.39 9.63
N SER A 246 -15.89 -12.25 8.61
CA SER A 246 -16.71 -12.02 7.42
C SER A 246 -18.14 -11.59 7.79
N LEU A 247 -18.76 -12.27 8.75
CA LEU A 247 -20.17 -12.03 9.02
C LEU A 247 -20.46 -10.70 9.73
N GLN A 248 -19.47 -9.97 10.22
CA GLN A 248 -19.72 -8.65 10.79
C GLN A 248 -18.98 -7.56 10.06
N ARG A 249 -18.22 -7.90 9.02
CA ARG A 249 -17.36 -6.94 8.35
C ARG A 249 -18.16 -5.76 7.87
N GLN A 250 -19.09 -6.01 6.93
CA GLN A 250 -19.84 -4.93 6.32
C GLN A 250 -20.56 -4.11 7.39
N ALA A 251 -21.13 -4.79 8.38
CA ALA A 251 -21.82 -4.08 9.44
C ALA A 251 -20.86 -3.22 10.24
N ASN A 252 -19.68 -3.75 10.57
CA ASN A 252 -18.71 -2.95 11.30
C ASN A 252 -18.20 -1.78 10.46
N ILE A 253 -18.21 -1.93 9.14
CA ILE A 253 -17.79 -0.84 8.27
C ILE A 253 -18.78 0.31 8.35
N LEU A 254 -20.08 0.03 8.29
CA LEU A 254 -21.04 1.11 8.48
C LEU A 254 -20.86 1.76 9.84
N LEU A 255 -20.70 0.95 10.89
CA LEU A 255 -20.49 1.48 12.23
C LEU A 255 -19.10 2.04 12.44
N GLY A 256 -18.18 1.84 11.50
CA GLY A 256 -16.82 2.31 11.68
C GLY A 256 -16.08 1.67 12.82
N ALA A 257 -16.45 0.44 13.17
CA ALA A 257 -15.83 -0.29 14.28
C ALA A 257 -14.72 -1.16 13.70
N CYS A 258 -13.56 -0.54 13.49
CA CYS A 258 -12.39 -1.23 13.00
C CYS A 258 -11.42 -1.50 14.13
N SER A 259 -10.48 -2.40 13.88
CA SER A 259 -9.52 -2.80 14.90
C SER A 259 -8.25 -3.30 14.22
N LEU A 260 -7.10 -2.78 14.63
CA LEU A 260 -5.84 -3.21 14.02
C LEU A 260 -4.95 -3.95 15.00
N ASP A 261 -5.49 -5.00 15.64
CA ASP A 261 -4.85 -5.61 16.79
C ASP A 261 -3.47 -6.16 16.47
N CYS A 262 -3.22 -6.53 15.21
CA CYS A 262 -1.92 -7.12 14.87
C CYS A 262 -0.77 -6.15 14.92
N LEU A 263 -1.04 -4.86 15.03
CA LEU A 263 -0.01 -3.83 14.94
C LEU A 263 0.36 -3.43 16.36
N HIS A 264 1.52 -3.89 16.80
CA HIS A 264 1.98 -3.54 18.13
C HIS A 264 2.21 -2.03 18.20
N PRO A 265 1.77 -1.35 19.26
CA PRO A 265 1.91 0.10 19.32
C PRO A 265 3.33 0.58 19.63
N GLU A 266 4.29 -0.33 19.88
CA GLU A 266 5.64 0.10 20.18
C GLU A 266 6.66 -0.68 19.37
N LYS A 267 6.28 -1.05 18.16
CA LYS A 267 7.19 -1.54 17.13
C LYS A 267 7.16 -0.57 15.97
N HIS A 268 8.33 -0.05 15.61
CA HIS A 268 8.46 0.95 14.55
C HIS A 268 7.64 0.59 13.30
N GLU A 269 7.85 -0.61 12.75
CA GLU A 269 7.18 -1.02 11.51
C GLU A 269 5.66 -1.05 11.65
N ASP A 270 5.16 -1.58 12.76
CA ASP A 270 3.71 -1.56 12.97
C ASP A 270 3.19 -0.15 13.20
N VAL A 271 3.96 0.68 13.90
CA VAL A 271 3.53 2.08 14.10
C VAL A 271 3.32 2.75 12.75
N ILE A 272 4.32 2.63 11.87
CA ILE A 272 4.26 3.24 10.55
C ILE A 272 3.09 2.67 9.76
N ALA A 273 2.92 1.34 9.79
CA ALA A 273 1.82 0.69 9.08
C ALA A 273 0.46 1.13 9.62
N ARG A 274 0.32 1.22 10.95
CA ARG A 274 -0.95 1.65 11.51
C ARG A 274 -1.28 3.05 11.06
N GLU A 275 -0.28 3.93 11.02
CA GLU A 275 -0.55 5.32 10.71
C GLU A 275 -1.03 5.47 9.28
N LEU A 276 -0.52 4.65 8.36
CA LEU A 276 -1.04 4.71 7.00
C LEU A 276 -2.41 4.06 6.91
N ILE A 277 -2.55 2.85 7.46
CA ILE A 277 -3.79 2.09 7.26
C ILE A 277 -4.96 2.80 7.92
N GLU A 278 -4.74 3.40 9.09
CA GLU A 278 -5.84 4.12 9.73
C GLU A 278 -6.31 5.27 8.85
N LYS A 279 -5.39 5.87 8.08
CA LYS A 279 -5.81 6.90 7.16
C LYS A 279 -6.52 6.30 5.95
N MET A 280 -6.03 5.18 5.43
CA MET A 280 -6.68 4.63 4.25
C MET A 280 -8.12 4.20 4.54
N ILE A 281 -8.44 3.82 5.77
CA ILE A 281 -9.77 3.27 6.04
C ILE A 281 -10.64 4.24 6.82
N ALA A 282 -10.24 5.51 6.93
CA ALA A 282 -11.05 6.54 7.60
C ALA A 282 -12.48 6.58 7.06
N MET A 283 -13.43 6.73 7.98
CA MET A 283 -14.84 6.84 7.61
C MET A 283 -15.08 8.03 6.70
N ASP A 284 -14.41 9.15 6.97
CA ASP A 284 -14.49 10.32 6.12
C ASP A 284 -13.67 10.09 4.85
N PRO A 285 -14.30 9.99 3.67
CA PRO A 285 -13.53 9.78 2.44
C PRO A 285 -12.53 10.90 2.17
N GLN A 286 -12.79 12.11 2.65
CA GLN A 286 -11.84 13.18 2.37
C GLN A 286 -10.57 13.04 3.20
N LYS A 287 -10.60 12.27 4.30
CA LYS A 287 -9.38 12.05 5.07
C LYS A 287 -8.51 10.95 4.48
N ARG A 288 -9.00 10.19 3.52
CA ARG A 288 -8.19 9.08 3.01
C ARG A 288 -7.11 9.61 2.06
N PRO A 289 -5.92 9.03 2.11
CA PRO A 289 -4.89 9.42 1.14
C PRO A 289 -5.19 8.94 -0.27
N SER A 290 -4.81 9.76 -1.24
CA SER A 290 -4.86 9.31 -2.62
C SER A 290 -3.78 8.25 -2.83
N ALA A 291 -3.93 7.49 -3.91
CA ALA A 291 -2.96 6.44 -4.20
C ALA A 291 -1.54 7.00 -4.31
N LYS A 292 -1.38 8.19 -4.90
CA LYS A 292 -0.04 8.75 -5.01
C LYS A 292 0.53 9.12 -3.65
N HIS A 293 -0.31 9.60 -2.73
CA HIS A 293 0.14 9.80 -1.35
C HIS A 293 0.57 8.48 -0.74
N VAL A 294 -0.22 7.43 -0.99
CA VAL A 294 0.07 6.15 -0.36
C VAL A 294 1.42 5.66 -0.86
N LEU A 295 1.71 5.91 -2.13
CA LEU A 295 2.98 5.49 -2.71
C LEU A 295 4.17 6.18 -2.05
N LYS A 296 3.94 7.36 -1.48
CA LYS A 296 5.00 8.13 -0.86
C LYS A 296 5.19 7.81 0.61
N HIS A 297 4.27 7.05 1.19
CA HIS A 297 4.26 6.87 2.63
C HIS A 297 5.47 6.05 3.09
N PRO A 298 5.99 6.35 4.29
CA PRO A 298 7.18 5.62 4.76
C PRO A 298 6.94 4.14 4.95
N PHE A 299 5.68 3.72 5.04
CA PHE A 299 5.39 2.29 4.97
C PHE A 299 6.19 1.62 3.87
N PHE A 300 6.50 2.34 2.79
CA PHE A 300 7.22 1.71 1.67
C PHE A 300 8.71 2.05 1.60
N TRP A 301 9.26 2.75 2.61
CA TRP A 301 10.62 3.22 2.53
C TRP A 301 11.60 2.13 2.93
N SER A 302 12.68 2.01 2.14
CA SER A 302 13.85 1.28 2.60
C SER A 302 14.49 1.95 3.82
N LEU A 303 15.22 1.15 4.59
CA LEU A 303 15.99 1.68 5.71
C LEU A 303 16.86 2.84 5.27
N GLU A 304 17.57 2.66 4.16
CA GLU A 304 18.39 3.73 3.62
C GLU A 304 17.60 5.00 3.44
N LYS A 305 16.43 4.90 2.79
CA LYS A 305 15.57 6.07 2.63
C LYS A 305 15.07 6.58 3.98
N GLN A 306 14.88 5.70 4.97
CA GLN A 306 14.45 6.19 6.27
C GLN A 306 15.53 7.05 6.90
N LEU A 307 16.77 6.56 6.88
CA LEU A 307 17.86 7.33 7.45
C LEU A 307 18.04 8.64 6.70
N GLN A 308 17.86 8.62 5.39
CA GLN A 308 18.03 9.84 4.61
C GLN A 308 16.97 10.86 4.98
N PHE A 309 15.74 10.40 5.25
CA PHE A 309 14.71 11.30 5.74
C PHE A 309 15.14 11.96 7.06
N PHE A 310 15.60 11.14 8.02
CA PHE A 310 16.08 11.66 9.29
C PHE A 310 17.17 12.71 9.07
N GLN A 311 18.10 12.44 8.15
CA GLN A 311 19.17 13.41 7.90
C GLN A 311 18.63 14.69 7.28
N ASP A 312 17.78 14.57 6.25
CA ASP A 312 17.24 15.77 5.60
C ASP A 312 16.45 16.61 6.58
N VAL A 313 15.72 15.97 7.49
CA VAL A 313 14.99 16.69 8.52
C VAL A 313 15.95 17.49 9.40
N SER A 314 17.00 16.82 9.90
CA SER A 314 17.90 17.50 10.83
C SER A 314 18.67 18.61 10.15
N ASP A 315 19.09 18.39 8.89
CA ASP A 315 19.65 19.50 8.13
C ASP A 315 18.63 20.62 7.98
N ARG A 316 17.37 20.27 7.72
CA ARG A 316 16.36 21.31 7.48
C ARG A 316 16.14 22.19 8.70
N ILE A 317 16.17 21.61 9.90
CA ILE A 317 15.79 22.34 11.10
C ILE A 317 17.01 22.78 11.90
N GLU A 318 18.22 22.55 11.39
CA GLU A 318 19.40 22.84 12.19
C GLU A 318 19.47 24.31 12.57
N LYS A 319 19.15 25.20 11.65
CA LYS A 319 19.19 26.62 11.95
C LYS A 319 17.79 27.22 12.02
N GLU A 320 16.77 26.39 12.29
CA GLU A 320 15.43 26.87 12.59
C GLU A 320 15.33 27.33 14.05
N SER A 321 14.56 28.39 14.26
CA SER A 321 14.33 28.88 15.62
C SER A 321 13.54 27.85 16.41
N LEU A 322 13.95 27.63 17.66
CA LEU A 322 13.22 26.75 18.55
C LEU A 322 11.79 27.23 18.79
N ASP A 323 11.56 28.54 18.63
CA ASP A 323 10.24 29.13 18.71
C ASP A 323 9.47 29.08 17.40
N GLY A 324 10.10 28.66 16.30
CA GLY A 324 9.47 28.73 15.01
C GLY A 324 8.37 27.70 14.82
N PRO A 325 7.56 27.87 13.78
CA PRO A 325 6.52 26.85 13.52
C PRO A 325 7.09 25.45 13.41
N ILE A 326 8.15 25.27 12.60
CA ILE A 326 8.59 23.90 12.27
C ILE A 326 9.04 23.16 13.52
N VAL A 327 9.94 23.77 14.29
CA VAL A 327 10.47 23.06 15.45
C VAL A 327 9.37 22.87 16.49
N LYS A 328 8.58 23.92 16.75
CA LYS A 328 7.46 23.80 17.67
C LYS A 328 6.60 22.60 17.32
N GLN A 329 6.19 22.51 16.05
CA GLN A 329 5.42 21.34 15.63
C GLN A 329 6.17 20.06 15.94
N LEU A 330 7.48 20.05 15.68
CA LEU A 330 8.26 18.83 15.87
C LEU A 330 8.30 18.43 17.33
N GLU A 331 8.32 19.39 18.24
CA GLU A 331 8.46 19.08 19.66
C GLU A 331 7.15 18.80 20.38
N ARG A 332 5.99 19.01 19.76
CA ARG A 332 4.75 18.76 20.48
C ARG A 332 4.55 17.26 20.64
N GLY A 333 4.38 16.79 21.87
CA GLY A 333 4.35 15.36 22.06
C GLY A 333 5.70 14.72 21.89
N GLY A 334 6.78 15.51 22.01
CA GLY A 334 8.10 14.99 21.80
C GLY A 334 8.62 14.14 22.92
N ARG A 335 8.13 14.36 24.14
CA ARG A 335 8.67 13.66 25.28
C ARG A 335 8.31 12.18 25.25
N ALA A 336 7.09 11.86 24.85
CA ALA A 336 6.73 10.46 24.68
C ALA A 336 7.58 9.82 23.59
N VAL A 337 7.90 10.57 22.54
CA VAL A 337 8.63 10.00 21.41
C VAL A 337 10.08 9.70 21.78
N VAL A 338 10.73 10.59 22.55
CA VAL A 338 12.13 10.39 22.93
C VAL A 338 12.22 9.66 24.27
N LYS A 339 11.07 9.27 24.81
CA LYS A 339 11.01 8.57 26.09
C LYS A 339 11.64 9.41 27.21
N MET A 340 11.11 10.62 27.37
CA MET A 340 11.48 11.58 28.42
C MET A 340 12.93 12.03 28.31
N ASP A 341 13.88 11.11 28.43
CA ASP A 341 15.30 11.42 28.26
C ASP A 341 15.88 10.35 27.35
N TRP A 342 15.99 10.68 26.05
CA TRP A 342 16.47 9.69 25.10
C TRP A 342 17.93 9.33 25.32
N ARG A 343 18.65 10.12 26.10
CA ARG A 343 20.01 9.76 26.46
C ARG A 343 20.06 8.56 27.41
N GLU A 344 18.99 8.30 28.18
CA GLU A 344 18.94 7.11 29.00
C GLU A 344 18.32 5.93 28.28
N ASN A 345 18.31 5.95 26.95
CA ASN A 345 17.67 4.91 26.15
C ASN A 345 18.53 4.49 24.96
N ILE A 346 19.81 4.82 24.99
CA ILE A 346 20.75 4.38 23.99
C ILE A 346 21.83 3.60 24.71
N THR A 347 22.50 2.72 23.98
CA THR A 347 23.53 1.90 24.58
C THR A 347 24.61 2.79 25.20
N VAL A 348 25.31 2.22 26.20
CA VAL A 348 26.34 3.02 26.91
C VAL A 348 27.47 3.45 25.97
N PRO A 349 28.04 2.61 25.11
CA PRO A 349 29.11 3.11 24.25
C PRO A 349 28.69 4.32 23.43
N LEU A 350 27.42 4.40 23.02
CA LEU A 350 26.97 5.61 22.35
C LEU A 350 26.84 6.78 23.32
N GLN A 351 26.33 6.53 24.54
CA GLN A 351 26.25 7.60 25.54
C GLN A 351 27.61 8.26 25.76
N THR A 352 28.67 7.48 25.92
CA THR A 352 29.96 8.10 26.20
C THR A 352 30.48 8.87 24.99
N ASP A 353 30.09 8.50 23.78
CA ASP A 353 30.62 9.21 22.63
C ASP A 353 29.97 10.59 22.46
N LEU A 354 28.78 10.79 23.01
CA LEU A 354 28.18 12.11 22.95
C LEU A 354 28.86 13.08 23.92
N ARG A 355 29.20 12.60 25.13
CA ARG A 355 29.76 13.45 26.17
C ARG A 355 31.06 14.13 25.73
N LYS A 356 31.73 13.61 24.69
CA LYS A 356 32.99 14.20 24.23
C LYS A 356 32.82 15.69 23.96
N PHE A 357 31.77 16.07 23.22
CA PHE A 357 31.31 17.46 23.13
C PHE A 357 29.79 17.42 23.26
N ARG A 358 29.32 17.36 24.51
CA ARG A 358 27.91 17.04 24.80
C ARG A 358 26.98 18.22 24.52
N THR A 359 26.18 18.59 25.54
CA THR A 359 25.10 19.59 25.41
C THR A 359 24.03 19.07 24.46
N TYR A 360 23.29 18.07 24.90
CA TYR A 360 22.14 17.54 24.18
C TYR A 360 20.95 17.53 25.11
N LYS A 361 19.84 18.11 24.67
CA LYS A 361 18.60 18.07 25.45
C LYS A 361 17.95 16.70 25.29
N GLY A 362 17.76 16.00 26.41
CA GLY A 362 17.18 14.68 26.36
C GLY A 362 15.69 14.60 26.09
N GLY A 363 14.98 15.73 26.18
CA GLY A 363 13.57 15.80 25.86
C GLY A 363 13.28 16.32 24.47
N SER A 364 14.30 16.71 23.71
CA SER A 364 14.13 17.33 22.40
C SER A 364 14.22 16.28 21.29
N VAL A 365 13.14 16.16 20.50
CA VAL A 365 13.21 15.36 19.28
C VAL A 365 14.30 15.89 18.37
N ARG A 366 14.37 17.21 18.20
CA ARG A 366 15.37 17.79 17.32
C ARG A 366 16.79 17.38 17.71
N ASP A 367 17.07 17.30 19.01
CA ASP A 367 18.40 16.93 19.45
C ASP A 367 18.65 15.45 19.28
N LEU A 368 17.60 14.62 19.32
CA LEU A 368 17.79 13.22 18.97
C LEU A 368 18.19 13.08 17.51
N LEU A 369 17.50 13.79 16.62
CA LEU A 369 17.84 13.78 15.20
C LEU A 369 19.23 14.37 14.95
N ARG A 370 19.58 15.42 15.68
CA ARG A 370 20.91 16.04 15.55
C ARG A 370 22.01 15.03 15.83
N ALA A 371 21.92 14.36 16.97
CA ALA A 371 22.84 13.30 17.32
C ALA A 371 22.94 12.28 16.20
N MET A 372 21.79 11.84 15.68
CA MET A 372 21.81 10.83 14.63
C MET A 372 22.54 11.37 13.42
N ARG A 373 22.23 12.60 13.03
CA ARG A 373 22.89 13.19 11.86
C ARG A 373 24.40 13.24 12.07
N ASN A 374 24.82 13.62 13.28
CA ASN A 374 26.24 13.81 13.51
C ASN A 374 26.96 12.49 13.52
N LYS A 375 26.41 11.50 14.23
CA LYS A 375 27.08 10.22 14.29
C LYS A 375 27.11 9.56 12.93
N LYS A 376 26.07 9.79 12.13
CA LYS A 376 26.09 9.31 10.76
C LYS A 376 27.18 9.98 9.96
N HIS A 377 27.23 11.31 10.00
CA HIS A 377 28.20 12.04 9.20
C HIS A 377 29.64 11.75 9.61
N HIS A 378 29.89 11.56 10.90
CA HIS A 378 31.23 11.23 11.39
C HIS A 378 31.47 9.75 11.55
N TYR A 379 30.59 8.91 10.98
CA TYR A 379 30.63 7.48 11.25
C TYR A 379 32.02 6.90 10.98
N ARG A 380 32.66 7.33 9.89
CA ARG A 380 33.99 6.85 9.52
C ARG A 380 35.05 7.26 10.54
N GLU A 381 34.64 7.88 11.64
CA GLU A 381 35.60 8.27 12.65
C GLU A 381 35.26 7.85 14.08
N LEU A 382 34.10 7.27 14.34
CA LEU A 382 33.83 6.87 15.71
C LEU A 382 34.75 5.74 16.15
N PRO A 383 34.93 5.58 17.46
CA PRO A 383 35.67 4.41 17.97
C PRO A 383 34.99 3.11 17.57
N ALA A 384 35.74 2.01 17.63
CA ALA A 384 35.23 0.72 17.14
C ALA A 384 33.97 0.31 17.88
N GLU A 385 33.98 0.43 19.21
CA GLU A 385 32.87 0.01 20.04
C GLU A 385 31.61 0.83 19.77
N VAL A 386 31.78 2.12 19.44
CA VAL A 386 30.64 2.93 19.03
C VAL A 386 30.14 2.51 17.65
N ARG A 387 31.06 2.30 16.71
CA ARG A 387 30.65 1.84 15.39
C ARG A 387 30.00 0.48 15.47
N GLU A 388 30.48 -0.36 16.38
CA GLU A 388 29.89 -1.68 16.48
C GLU A 388 28.55 -1.65 17.22
N THR A 389 28.35 -0.75 18.19
CA THR A 389 27.06 -0.73 18.88
C THR A 389 25.96 -0.21 17.96
N LEU A 390 26.28 0.74 17.08
CA LEU A 390 25.31 1.25 16.12
C LEU A 390 24.95 0.19 15.07
N GLY A 391 25.97 -0.40 14.46
CA GLY A 391 25.80 -1.31 13.34
C GLY A 391 26.29 -0.68 12.05
N SER A 392 26.10 -1.44 10.97
CA SER A 392 26.56 -1.01 9.65
C SER A 392 25.73 0.16 9.14
N LEU A 393 26.42 1.17 8.65
CA LEU A 393 25.78 2.23 7.92
C LEU A 393 25.33 1.70 6.55
N PRO A 394 24.08 1.89 6.15
CA PRO A 394 22.99 2.58 6.86
C PRO A 394 21.97 1.66 7.52
N ASP A 395 21.93 0.38 7.18
CA ASP A 395 20.79 -0.44 7.58
C ASP A 395 20.74 -0.63 9.09
N ASP A 396 21.80 -1.16 9.68
CA ASP A 396 21.81 -1.36 11.14
C ASP A 396 21.76 -0.04 11.89
N PHE A 397 22.41 1.00 11.34
CA PHE A 397 22.48 2.29 12.01
C PHE A 397 21.08 2.84 12.28
N VAL A 398 20.26 2.97 11.24
CA VAL A 398 18.96 3.59 11.42
C VAL A 398 18.03 2.69 12.22
N CYS A 399 18.27 1.37 12.23
CA CYS A 399 17.46 0.50 13.09
C CYS A 399 17.83 0.64 14.55
N TYR A 400 19.10 0.90 14.84
CA TYR A 400 19.49 1.20 16.21
C TYR A 400 18.53 2.22 16.82
N PHE A 401 18.09 3.19 16.03
CA PHE A 401 17.25 4.26 16.55
C PHE A 401 15.76 3.98 16.47
N THR A 402 15.28 3.49 15.31
CA THR A 402 13.84 3.26 15.19
C THR A 402 13.40 2.15 16.12
N SER A 403 14.24 1.15 16.33
CA SER A 403 13.90 0.11 17.28
C SER A 403 13.88 0.66 18.70
N ARG A 404 14.71 1.65 19.01
CA ARG A 404 14.73 2.18 20.36
C ARG A 404 13.67 3.24 20.57
N PHE A 405 13.28 3.96 19.51
CA PHE A 405 12.22 4.96 19.57
C PHE A 405 11.19 4.70 18.49
N PRO A 406 10.28 3.74 18.70
CA PRO A 406 9.40 3.30 17.60
C PRO A 406 8.47 4.36 17.08
N HIS A 407 8.30 5.47 17.78
CA HIS A 407 7.40 6.51 17.27
C HIS A 407 8.14 7.61 16.54
N LEU A 408 9.48 7.59 16.53
CA LEU A 408 10.23 8.74 16.07
C LEU A 408 9.91 9.06 14.61
N LEU A 409 9.97 8.05 13.74
CA LEU A 409 9.77 8.32 12.32
C LEU A 409 8.34 8.77 12.05
N ALA A 410 7.37 8.04 12.60
CA ALA A 410 5.97 8.39 12.38
C ALA A 410 5.68 9.80 12.89
N HIS A 411 6.19 10.10 14.08
CA HIS A 411 6.05 11.44 14.62
C HIS A 411 6.70 12.47 13.70
N THR A 412 7.91 12.18 13.25
CA THR A 412 8.63 13.19 12.48
C THR A 412 7.98 13.38 11.12
N TYR A 413 7.48 12.28 10.52
CA TYR A 413 6.80 12.36 9.22
C TYR A 413 5.59 13.28 9.30
N ARG A 414 4.76 13.13 10.34
CA ARG A 414 3.58 14.00 10.43
C ARG A 414 3.99 15.45 10.67
N ALA A 415 4.91 15.67 11.61
CA ALA A 415 5.29 17.05 11.93
C ALA A 415 5.90 17.73 10.73
N MET A 416 6.77 17.03 10.02
CA MET A 416 7.45 17.70 8.92
C MET A 416 6.58 17.88 7.70
N GLU A 417 5.27 17.59 7.75
CA GLU A 417 4.44 17.88 6.59
C GLU A 417 4.41 19.38 6.28
N LEU A 418 4.73 20.22 7.26
CA LEU A 418 4.87 21.64 7.03
C LEU A 418 5.85 22.00 5.90
N CYS A 419 6.79 21.10 5.57
CA CYS A 419 7.75 21.33 4.50
C CYS A 419 7.51 20.44 3.29
N SER A 420 6.41 19.69 3.27
CA SER A 420 6.11 18.79 2.15
C SER A 420 6.16 19.51 0.80
N HIS A 421 5.93 20.83 0.77
CA HIS A 421 5.96 21.55 -0.50
C HIS A 421 7.37 21.91 -0.96
N GLU A 422 8.40 21.56 -0.20
CA GLU A 422 9.75 22.00 -0.51
C GLU A 422 10.45 20.98 -1.39
N ARG A 423 11.21 21.48 -2.37
CA ARG A 423 12.01 20.61 -3.24
C ARG A 423 12.77 19.55 -2.45
N LEU A 424 13.29 19.92 -1.27
CA LEU A 424 14.07 18.99 -0.46
C LEU A 424 13.27 17.73 -0.11
N PHE A 425 11.97 17.88 0.12
CA PHE A 425 11.17 16.81 0.69
C PHE A 425 10.27 16.12 -0.34
N GLN A 426 10.42 16.43 -1.63
CA GLN A 426 9.65 15.72 -2.63
C GLN A 426 9.81 14.20 -2.62
N PRO A 427 10.97 13.60 -2.30
CA PRO A 427 11.02 12.13 -2.20
C PRO A 427 10.10 11.55 -1.14
N TYR A 428 9.60 12.37 -0.22
CA TYR A 428 8.93 11.88 0.96
C TYR A 428 7.45 12.21 1.02
N TYR A 429 6.99 13.18 0.26
CA TYR A 429 5.58 13.56 0.29
C TYR A 429 5.08 13.74 -1.13
N PHE A 430 3.77 13.60 -1.29
CA PHE A 430 3.17 13.86 -2.58
C PHE A 430 2.54 15.23 -2.58
N HIS A 431 2.94 16.06 -3.53
CA HIS A 431 2.50 17.43 -3.59
C HIS A 431 2.23 17.80 -5.04
N GLU A 432 1.50 18.89 -5.22
CA GLU A 432 1.27 19.42 -6.55
C GLU A 432 2.32 20.49 -6.91
#